data_7TJC
#
_entry.id   7TJC
#
_cell.length_a   43.219
_cell.length_b   66.553
_cell.length_c   93.165
_cell.angle_alpha   90.000
_cell.angle_beta   90.000
_cell.angle_gamma   90.000
#
_symmetry.space_group_name_H-M   'P 21 21 21'
#
loop_
_entity.id
_entity.type
_entity.pdbx_description
1 polymer VHH-Chl-B2
2 non-polymer CHLORAMPHENICOL
3 non-polymer GLYCEROL
4 water water
#
_entity_poly.entity_id   1
_entity_poly.type   'polypeptide(L)'
_entity_poly.pdbx_seq_one_letter_code
;QVQLVESGGGLVQAGGSLRLSCAASGRSFSTYAMGWFRQAPGKEREFVAAISWSHGITYYADSVKGRFTISRDNAKNTVY
LQMNSLKPEDTAVYYCAADSIPYGDSRYRNPGYWGQGTQVTVSSGGLPETGGHHHHHH
;
_entity_poly.pdbx_strand_id   A,B
#
# COMPACT_ATOMS: atom_id res chain seq x y z
N VAL A 2 -12.75 -9.19 -24.16
CA VAL A 2 -11.65 -9.16 -23.21
C VAL A 2 -11.44 -7.74 -22.70
N GLN A 3 -11.21 -7.59 -21.39
CA GLN A 3 -11.02 -6.25 -20.84
C GLN A 3 -10.03 -6.34 -19.68
N LEU A 4 -9.18 -5.32 -19.56
CA LEU A 4 -8.32 -5.12 -18.40
C LEU A 4 -8.81 -3.86 -17.70
N VAL A 5 -9.04 -3.95 -16.39
CA VAL A 5 -9.54 -2.83 -15.61
C VAL A 5 -8.59 -2.54 -14.45
N GLU A 6 -8.04 -1.33 -14.42
CA GLU A 6 -7.18 -0.90 -13.33
C GLU A 6 -8.00 -0.29 -12.21
N SER A 7 -7.52 -0.50 -10.99
CA SER A 7 -8.08 0.14 -9.83
C SER A 7 -6.98 0.34 -8.80
N GLY A 8 -7.31 1.07 -7.74
CA GLY A 8 -6.39 1.29 -6.65
C GLY A 8 -5.65 2.62 -6.69
N GLY A 9 -5.91 3.44 -7.69
CA GLY A 9 -5.30 4.73 -7.75
C GLY A 9 -5.84 5.64 -6.67
N GLY A 10 -5.24 6.81 -6.60
CA GLY A 10 -5.77 7.83 -5.72
C GLY A 10 -4.71 8.88 -5.46
N LEU A 11 -4.90 9.57 -4.35
CA LEU A 11 -4.08 10.71 -3.99
C LEU A 11 -3.43 10.37 -2.67
N VAL A 12 -2.11 10.49 -2.62
CA VAL A 12 -1.37 9.99 -1.47
C VAL A 12 -0.25 10.99 -1.16
N GLN A 13 0.08 11.09 0.12
CA GLN A 13 1.17 11.93 0.56
C GLN A 13 2.50 11.34 0.10
N ALA A 14 3.42 12.21 -0.32
CA ALA A 14 4.75 11.75 -0.72
C ALA A 14 5.37 10.92 0.40
N GLY A 15 6.07 9.85 0.01
CA GLY A 15 6.57 8.86 0.92
C GLY A 15 5.61 7.72 1.19
N GLY A 16 4.33 7.88 0.85
CA GLY A 16 3.33 6.87 1.12
C GLY A 16 3.31 5.79 0.05
N SER A 17 2.26 4.98 0.11
CA SER A 17 2.13 3.79 -0.71
C SER A 17 0.73 3.70 -1.31
N LEU A 18 0.67 3.00 -2.44
CA LEU A 18 -0.58 2.57 -3.06
C LEU A 18 -0.37 1.14 -3.53
N ARG A 19 -1.47 0.44 -3.80
CA ARG A 19 -1.41 -0.85 -4.48
C ARG A 19 -2.40 -0.83 -5.63
N LEU A 20 -1.89 -0.90 -6.86
CA LEU A 20 -2.77 -0.92 -8.01
C LEU A 20 -3.12 -2.36 -8.34
N SER A 21 -4.32 -2.56 -8.84
CA SER A 21 -4.78 -3.88 -9.26
C SER A 21 -5.21 -3.78 -10.70
N CYS A 22 -4.93 -4.82 -11.45
CA CYS A 22 -5.38 -4.94 -12.82
C CYS A 22 -6.14 -6.25 -12.92
N ALA A 23 -7.46 -6.16 -13.09
CA ALA A 23 -8.33 -7.32 -13.13
C ALA A 23 -8.71 -7.60 -14.59
N ALA A 24 -8.50 -8.83 -15.02
CA ALA A 24 -8.82 -9.23 -16.37
C ALA A 24 -10.17 -9.94 -16.39
N SER A 25 -10.93 -9.71 -17.46
CA SER A 25 -12.18 -10.43 -17.68
C SER A 25 -12.23 -10.93 -19.10
N GLY A 26 -12.92 -12.06 -19.30
CA GLY A 26 -13.12 -12.64 -20.61
C GLY A 26 -12.11 -13.69 -21.01
N ARG A 27 -10.94 -13.70 -20.38
CA ARG A 27 -9.87 -14.64 -20.73
C ARG A 27 -8.99 -14.80 -19.51
N SER A 28 -8.53 -16.03 -19.25
CA SER A 28 -7.46 -16.22 -18.29
C SER A 28 -6.15 -15.79 -18.92
N PHE A 29 -5.43 -14.91 -18.24
CA PHE A 29 -4.13 -14.44 -18.72
C PHE A 29 -2.96 -15.15 -18.02
N SER A 30 -3.22 -16.29 -17.38
N SER A 30 -3.21 -16.29 -17.39
CA SER A 30 -2.17 -16.97 -16.60
CA SER A 30 -2.15 -16.95 -16.60
C SER A 30 -0.96 -17.35 -17.44
C SER A 30 -0.95 -17.33 -17.45
N THR A 31 -1.15 -17.62 -18.74
CA THR A 31 -0.02 -17.99 -19.61
C THR A 31 0.61 -16.77 -20.29
N TYR A 32 0.20 -15.56 -19.93
CA TYR A 32 0.69 -14.35 -20.56
C TYR A 32 1.52 -13.54 -19.58
N ALA A 33 2.61 -12.96 -20.07
CA ALA A 33 3.25 -11.89 -19.33
C ALA A 33 2.30 -10.70 -19.27
N MET A 34 2.43 -9.93 -18.20
CA MET A 34 1.59 -8.76 -17.98
CA MET A 34 1.59 -8.76 -17.99
C MET A 34 2.47 -7.61 -17.51
N GLY A 35 2.04 -6.38 -17.78
CA GLY A 35 2.87 -5.24 -17.49
C GLY A 35 2.09 -4.04 -16.97
N TRP A 36 2.83 -3.15 -16.32
CA TRP A 36 2.32 -1.85 -15.92
C TRP A 36 3.14 -0.78 -16.61
N PHE A 37 2.44 0.26 -17.05
CA PHE A 37 3.01 1.41 -17.75
C PHE A 37 2.42 2.66 -17.12
N ARG A 38 3.00 3.81 -17.44
CA ARG A 38 2.45 5.06 -16.92
C ARG A 38 2.65 6.19 -17.92
N GLN A 39 1.80 7.20 -17.79
CA GLN A 39 1.89 8.37 -18.66
C GLN A 39 1.60 9.59 -17.80
N ALA A 40 2.63 10.41 -17.58
CA ALA A 40 2.53 11.64 -16.83
C ALA A 40 1.99 12.74 -17.74
N PRO A 41 1.45 13.81 -17.16
CA PRO A 41 0.87 14.88 -17.99
C PRO A 41 1.88 15.44 -18.99
N GLY A 42 1.47 15.53 -20.25
CA GLY A 42 2.31 16.05 -21.31
C GLY A 42 3.49 15.18 -21.71
N LYS A 43 3.59 13.96 -21.20
CA LYS A 43 4.72 13.09 -21.53
C LYS A 43 4.24 11.82 -22.20
N GLU A 44 5.20 11.06 -22.69
CA GLU A 44 4.95 9.82 -23.41
C GLU A 44 4.69 8.66 -22.44
N ARG A 45 4.02 7.65 -22.93
CA ARG A 45 3.82 6.45 -22.14
C ARG A 45 5.17 5.75 -21.92
N GLU A 46 5.36 5.19 -20.74
CA GLU A 46 6.62 4.54 -20.41
C GLU A 46 6.39 3.28 -19.58
N PHE A 47 7.31 2.35 -19.75
CA PHE A 47 7.28 1.09 -19.01
C PHE A 47 7.51 1.34 -17.53
N VAL A 48 6.80 0.58 -16.69
CA VAL A 48 7.04 0.60 -15.25
C VAL A 48 7.54 -0.76 -14.76
N ALA A 49 6.80 -1.81 -15.05
CA ALA A 49 7.18 -3.13 -14.55
C ALA A 49 6.47 -4.19 -15.37
N ALA A 50 7.06 -5.39 -15.39
CA ALA A 50 6.43 -6.53 -16.05
C ALA A 50 6.68 -7.79 -15.25
N ILE A 51 5.74 -8.72 -15.37
CA ILE A 51 5.87 -10.01 -14.69
C ILE A 51 5.59 -11.10 -15.73
N SER A 52 6.47 -12.09 -15.77
CA SER A 52 6.29 -13.15 -16.74
C SER A 52 5.12 -14.06 -16.31
N TRP A 53 4.65 -14.85 -17.28
CA TRP A 53 3.89 -16.04 -16.97
C TRP A 53 4.69 -17.01 -16.12
N SER A 54 6.03 -16.93 -16.21
CA SER A 54 6.91 -17.87 -15.56
C SER A 54 7.19 -17.38 -14.15
N HIS A 55 7.12 -18.33 -13.22
CA HIS A 55 7.20 -18.04 -11.79
C HIS A 55 8.48 -17.28 -11.48
N GLY A 56 8.33 -16.11 -10.86
CA GLY A 56 9.43 -15.42 -10.24
C GLY A 56 10.19 -14.45 -11.11
N ILE A 57 9.82 -14.30 -12.39
CA ILE A 57 10.56 -13.45 -13.32
C ILE A 57 9.85 -12.11 -13.44
N THR A 58 10.53 -11.04 -13.04
CA THR A 58 9.98 -9.70 -13.07
C THR A 58 11.02 -8.72 -13.60
N TYR A 59 10.54 -7.58 -14.09
CA TYR A 59 11.37 -6.52 -14.66
C TYR A 59 10.82 -5.18 -14.22
N TYR A 60 11.70 -4.20 -14.06
CA TYR A 60 11.33 -2.88 -13.55
C TYR A 60 12.11 -1.80 -14.27
N ALA A 61 11.44 -0.69 -14.52
CA ALA A 61 12.14 0.52 -14.95
C ALA A 61 13.13 0.96 -13.87
N ASP A 62 14.25 1.53 -14.32
CA ASP A 62 15.26 2.00 -13.38
C ASP A 62 14.67 2.96 -12.35
N SER A 63 13.72 3.80 -12.76
CA SER A 63 13.21 4.86 -11.90
C SER A 63 12.35 4.34 -10.75
N VAL A 64 11.91 3.08 -10.77
CA VAL A 64 11.07 2.53 -9.73
C VAL A 64 11.73 1.38 -8.99
N LYS A 65 12.93 0.99 -9.40
CA LYS A 65 13.64 -0.13 -8.79
C LYS A 65 13.79 0.12 -7.30
N GLY A 66 13.48 -0.90 -6.50
CA GLY A 66 13.57 -0.81 -5.06
C GLY A 66 12.36 -0.20 -4.39
N ARG A 67 11.47 0.43 -5.14
CA ARG A 67 10.29 1.07 -4.58
C ARG A 67 9.01 0.36 -4.95
N PHE A 68 8.90 -0.15 -6.18
CA PHE A 68 7.69 -0.82 -6.65
C PHE A 68 7.93 -2.31 -6.74
N THR A 69 6.87 -3.10 -6.53
CA THR A 69 6.94 -4.54 -6.69
C THR A 69 5.73 -5.02 -7.48
N ILE A 70 5.96 -5.75 -8.57
CA ILE A 70 4.88 -6.34 -9.36
C ILE A 70 4.68 -7.78 -8.93
N SER A 71 3.42 -8.22 -8.88
CA SER A 71 3.08 -9.57 -8.49
C SER A 71 1.78 -9.93 -9.20
N ARG A 72 1.39 -11.20 -9.11
CA ARG A 72 0.15 -11.61 -9.75
C ARG A 72 -0.51 -12.73 -8.96
N ASP A 73 -1.81 -12.86 -9.15
CA ASP A 73 -2.60 -13.92 -8.52
C ASP A 73 -3.46 -14.54 -9.61
N ASN A 74 -3.07 -15.72 -10.08
CA ASN A 74 -3.76 -16.31 -11.22
C ASN A 74 -5.18 -16.75 -10.88
N ALA A 75 -5.43 -17.13 -9.63
CA ALA A 75 -6.79 -17.52 -9.24
C ALA A 75 -7.75 -16.34 -9.33
N LYS A 76 -7.27 -15.13 -9.06
CA LYS A 76 -8.06 -13.92 -9.19
C LYS A 76 -7.89 -13.29 -10.56
N ASN A 77 -7.04 -13.84 -11.41
CA ASN A 77 -6.77 -13.27 -12.74
C ASN A 77 -6.39 -11.80 -12.65
N THR A 78 -5.53 -11.48 -11.67
CA THR A 78 -5.21 -10.10 -11.33
C THR A 78 -3.70 -9.92 -11.22
N VAL A 79 -3.21 -8.78 -11.67
CA VAL A 79 -1.83 -8.35 -11.51
C VAL A 79 -1.81 -7.11 -10.63
N TYR A 80 -0.82 -7.03 -9.74
CA TYR A 80 -0.73 -5.97 -8.76
C TYR A 80 0.55 -5.18 -8.96
N LEU A 81 0.50 -3.90 -8.60
CA LEU A 81 1.68 -3.05 -8.51
C LEU A 81 1.68 -2.41 -7.12
N GLN A 82 2.51 -2.93 -6.22
CA GLN A 82 2.72 -2.31 -4.93
C GLN A 82 3.70 -1.15 -5.11
N MET A 83 3.30 0.05 -4.70
CA MET A 83 4.07 1.26 -4.95
C MET A 83 4.43 1.84 -3.59
N ASN A 84 5.68 1.71 -3.16
CA ASN A 84 6.13 2.29 -1.89
C ASN A 84 7.01 3.51 -2.17
N SER A 85 7.21 4.32 -1.13
CA SER A 85 8.10 5.48 -1.20
C SER A 85 7.77 6.38 -2.38
N LEU A 86 6.47 6.65 -2.56
CA LEU A 86 6.03 7.43 -3.70
C LEU A 86 6.60 8.84 -3.68
N LYS A 87 6.88 9.37 -4.87
CA LYS A 87 7.46 10.68 -5.11
C LYS A 87 6.54 11.47 -6.02
N PRO A 88 6.54 12.81 -5.92
CA PRO A 88 5.70 13.60 -6.84
C PRO A 88 5.87 13.21 -8.30
N GLU A 89 7.10 12.88 -8.72
CA GLU A 89 7.40 12.47 -10.10
C GLU A 89 6.70 11.18 -10.50
N ASP A 90 6.14 10.44 -9.54
CA ASP A 90 5.36 9.24 -9.86
C ASP A 90 3.93 9.56 -10.24
N THR A 91 3.51 10.82 -10.14
CA THR A 91 2.16 11.20 -10.55
C THR A 91 1.98 10.93 -12.04
N ALA A 92 0.92 10.19 -12.39
CA ALA A 92 0.70 9.75 -13.76
C ALA A 92 -0.60 8.96 -13.80
N VAL A 93 -1.10 8.72 -15.01
CA VAL A 93 -2.09 7.68 -15.21
C VAL A 93 -1.34 6.37 -15.42
N TYR A 94 -1.71 5.34 -14.66
CA TYR A 94 -1.07 4.03 -14.74
C TYR A 94 -1.98 3.07 -15.50
N TYR A 95 -1.38 2.34 -16.43
CA TYR A 95 -2.09 1.46 -17.33
C TYR A 95 -1.52 0.05 -17.20
N CYS A 96 -2.39 -0.93 -17.17
CA CYS A 96 -1.91 -2.29 -17.27
CA CYS A 96 -1.98 -2.31 -17.25
C CYS A 96 -2.12 -2.82 -18.68
N ALA A 97 -1.34 -3.83 -19.01
CA ALA A 97 -1.36 -4.37 -20.36
C ALA A 97 -1.03 -5.86 -20.29
N ALA A 98 -1.37 -6.55 -21.35
CA ALA A 98 -1.06 -7.97 -21.49
C ALA A 98 -0.21 -8.17 -22.74
N ASP A 99 0.70 -9.14 -22.66
CA ASP A 99 1.51 -9.48 -23.81
C ASP A 99 0.62 -9.88 -24.98
N SER A 100 1.15 -9.73 -26.19
CA SER A 100 0.41 -10.10 -27.38
C SER A 100 0.35 -11.60 -27.62
N ILE A 101 1.20 -12.38 -26.96
CA ILE A 101 1.27 -13.82 -27.15
C ILE A 101 1.43 -14.50 -25.80
N PRO A 102 0.98 -15.74 -25.68
CA PRO A 102 1.27 -16.52 -24.46
C PRO A 102 2.69 -17.05 -24.49
N TYR A 103 3.22 -17.29 -23.29
CA TYR A 103 4.52 -17.94 -23.14
C TYR A 103 5.63 -17.16 -23.86
N GLY A 104 5.54 -15.84 -23.84
CA GLY A 104 6.51 -15.02 -24.53
C GLY A 104 7.80 -14.87 -23.76
N ASP A 105 8.87 -14.54 -24.49
CA ASP A 105 10.14 -14.20 -23.86
C ASP A 105 10.10 -12.73 -23.45
N SER A 106 11.24 -12.17 -23.07
CA SER A 106 11.30 -10.80 -22.58
C SER A 106 11.63 -9.78 -23.68
N ARG A 107 11.57 -10.17 -24.96
CA ARG A 107 11.79 -9.22 -26.03
C ARG A 107 10.60 -8.27 -26.17
N TYR A 108 10.86 -7.10 -26.77
CA TYR A 108 9.80 -6.11 -26.97
C TYR A 108 8.75 -6.63 -27.94
N ARG A 109 7.48 -6.51 -27.55
CA ARG A 109 6.36 -6.64 -28.46
C ARG A 109 5.32 -5.59 -28.09
N ASN A 110 4.62 -5.07 -29.09
CA ASN A 110 3.47 -4.21 -28.83
C ASN A 110 2.49 -4.98 -27.95
N PRO A 111 2.10 -4.47 -26.78
CA PRO A 111 1.16 -5.21 -25.94
C PRO A 111 -0.17 -5.47 -26.66
N GLY A 112 -0.73 -6.65 -26.42
CA GLY A 112 -1.94 -7.06 -27.11
C GLY A 112 -3.22 -6.46 -26.57
N TYR A 113 -3.23 -6.11 -25.28
CA TYR A 113 -4.41 -5.51 -24.64
C TYR A 113 -3.96 -4.44 -23.69
N TRP A 114 -4.74 -3.36 -23.58
CA TRP A 114 -4.45 -2.23 -22.74
C TRP A 114 -5.68 -1.89 -21.91
N GLY A 115 -5.47 -1.54 -20.64
CA GLY A 115 -6.55 -0.99 -19.85
C GLY A 115 -6.74 0.50 -20.12
N GLN A 116 -7.76 1.05 -19.48
CA GLN A 116 -8.09 2.46 -19.62
C GLN A 116 -7.36 3.37 -18.63
N GLY A 117 -6.72 2.82 -17.62
CA GLY A 117 -5.86 3.60 -16.75
C GLY A 117 -6.52 3.96 -15.42
N THR A 118 -5.67 4.15 -14.40
CA THR A 118 -6.07 4.67 -13.10
C THR A 118 -5.15 5.81 -12.72
N GLN A 119 -5.69 6.87 -12.12
CA GLN A 119 -4.91 8.07 -11.82
C GLN A 119 -4.20 7.90 -10.48
N VAL A 120 -2.92 8.23 -10.46
CA VAL A 120 -2.13 8.27 -9.24
C VAL A 120 -1.60 9.69 -9.09
N THR A 121 -1.86 10.32 -7.96
CA THR A 121 -1.37 11.67 -7.69
C THR A 121 -0.64 11.66 -6.37
N VAL A 122 0.62 12.09 -6.38
CA VAL A 122 1.46 12.10 -5.18
C VAL A 122 1.72 13.55 -4.84
N SER A 123 1.30 13.96 -3.65
CA SER A 123 1.36 15.35 -3.26
C SER A 123 2.76 15.72 -2.79
N SER A 124 3.01 17.03 -2.72
CA SER A 124 4.30 17.56 -2.28
C SER A 124 4.73 16.99 -0.93
N VAL B 2 9.18 14.45 23.16
CA VAL B 2 9.17 13.43 22.12
C VAL B 2 7.93 13.60 21.27
N GLN B 3 7.95 13.03 20.07
CA GLN B 3 6.83 13.16 19.14
C GLN B 3 6.64 11.88 18.37
N LEU B 4 5.39 11.62 18.02
CA LEU B 4 5.01 10.57 17.08
C LEU B 4 4.36 11.29 15.91
N VAL B 5 4.84 11.03 14.69
CA VAL B 5 4.35 11.72 13.50
C VAL B 5 3.86 10.70 12.49
N GLU B 6 2.57 10.76 12.16
CA GLU B 6 1.98 9.87 11.18
C GLU B 6 2.09 10.45 9.78
N SER B 7 2.27 9.56 8.80
CA SER B 7 2.26 9.95 7.41
C SER B 7 1.70 8.79 6.61
N GLY B 8 1.52 9.01 5.31
CA GLY B 8 1.04 7.98 4.42
C GLY B 8 -0.45 8.00 4.16
N GLY B 9 -1.18 8.93 4.74
CA GLY B 9 -2.60 9.01 4.46
C GLY B 9 -2.87 9.39 3.02
N GLY B 10 -4.14 9.30 2.66
CA GLY B 10 -4.52 9.66 1.31
C GLY B 10 -5.99 9.38 1.06
N LEU B 11 -6.34 9.48 -0.22
CA LEU B 11 -7.71 9.31 -0.70
C LEU B 11 -7.65 8.22 -1.77
N VAL B 12 -8.35 7.12 -1.52
N VAL B 12 -8.41 7.14 -1.55
CA VAL B 12 -8.37 6.00 -2.47
CA VAL B 12 -8.35 5.96 -2.40
C VAL B 12 -9.80 5.56 -2.70
C VAL B 12 -9.77 5.42 -2.61
N GLN B 13 -9.99 4.82 -3.78
CA GLN B 13 -11.29 4.19 -4.02
C GLN B 13 -11.37 2.87 -3.28
N ALA B 14 -12.58 2.46 -2.98
CA ALA B 14 -12.79 1.18 -2.29
C ALA B 14 -12.02 0.07 -2.99
N GLY B 15 -11.39 -0.79 -2.19
CA GLY B 15 -10.61 -1.90 -2.69
C GLY B 15 -9.12 -1.64 -2.75
N GLY B 16 -8.72 -0.37 -2.67
CA GLY B 16 -7.34 0.01 -2.76
C GLY B 16 -6.58 -0.18 -1.46
N SER B 17 -5.34 0.32 -1.45
CA SER B 17 -4.42 0.15 -0.35
C SER B 17 -3.73 1.47 0.00
N LEU B 18 -3.30 1.56 1.25
CA LEU B 18 -2.40 2.60 1.74
C LEU B 18 -1.42 1.94 2.70
N ARG B 19 -0.31 2.63 2.99
CA ARG B 19 0.60 2.24 4.05
CA ARG B 19 0.59 2.23 4.05
C ARG B 19 0.89 3.45 4.92
N LEU B 20 0.41 3.41 6.16
CA LEU B 20 0.68 4.48 7.10
C LEU B 20 2.00 4.22 7.79
N SER B 21 2.70 5.30 8.11
CA SER B 21 3.95 5.24 8.84
C SER B 21 3.82 6.11 10.08
N CYS B 22 4.44 5.69 11.17
CA CYS B 22 4.49 6.48 12.40
C CYS B 22 5.95 6.56 12.80
N ALA B 23 6.52 7.75 12.71
CA ALA B 23 7.93 7.97 13.00
C ALA B 23 8.05 8.60 14.38
N ALA B 24 8.87 7.98 15.23
CA ALA B 24 9.08 8.48 16.59
C ALA B 24 10.36 9.29 16.64
N SER B 25 10.35 10.34 17.45
CA SER B 25 11.52 11.18 17.65
C SER B 25 11.62 11.56 19.13
N GLY B 26 12.85 11.72 19.61
CA GLY B 26 13.08 12.09 20.99
C GLY B 26 13.22 10.93 21.95
N ARG B 27 13.01 9.69 21.49
CA ARG B 27 13.18 8.50 22.31
C ARG B 27 13.08 7.28 21.41
N SER B 28 13.95 6.30 21.64
CA SER B 28 13.77 5.00 21.01
C SER B 28 12.63 4.28 21.70
N PHE B 29 11.67 3.81 20.90
CA PHE B 29 10.53 3.06 21.42
C PHE B 29 10.66 1.56 21.20
N SER B 30 11.88 1.06 20.99
CA SER B 30 12.04 -0.34 20.65
CA SER B 30 12.07 -0.34 20.66
C SER B 30 11.61 -1.27 21.78
N THR B 31 11.67 -0.81 23.03
CA THR B 31 11.21 -1.61 24.17
C THR B 31 9.73 -1.40 24.50
N TYR B 32 8.99 -0.66 23.68
CA TYR B 32 7.60 -0.34 23.92
C TYR B 32 6.71 -0.99 22.88
N ALA B 33 5.56 -1.49 23.31
CA ALA B 33 4.51 -1.79 22.37
C ALA B 33 4.03 -0.50 21.72
N MET B 34 3.51 -0.62 20.49
CA MET B 34 3.03 0.52 19.72
CA MET B 34 3.02 0.53 19.74
C MET B 34 1.70 0.15 19.08
N GLY B 35 0.86 1.15 18.83
CA GLY B 35 -0.46 0.86 18.31
C GLY B 35 -0.95 1.88 17.29
N TRP B 36 -1.95 1.45 16.54
CA TRP B 36 -2.71 2.32 15.65
C TRP B 36 -4.16 2.36 16.10
N PHE B 37 -4.76 3.55 16.03
CA PHE B 37 -6.14 3.81 16.40
C PHE B 37 -6.74 4.66 15.29
N ARG B 38 -8.07 4.79 15.30
CA ARG B 38 -8.71 5.65 14.31
C ARG B 38 -9.95 6.30 14.90
N GLN B 39 -10.34 7.40 14.29
CA GLN B 39 -11.50 8.15 14.75
C GLN B 39 -12.23 8.66 13.50
N ALA B 40 -13.40 8.10 13.24
CA ALA B 40 -14.23 8.50 12.12
C ALA B 40 -15.05 9.73 12.51
N PRO B 41 -15.55 10.48 11.51
CA PRO B 41 -16.31 11.70 11.81
C PRO B 41 -17.47 11.43 12.77
N GLY B 42 -17.54 12.22 13.84
CA GLY B 42 -18.62 12.12 14.80
C GLY B 42 -18.60 10.88 15.67
N LYS B 43 -17.52 10.10 15.61
CA LYS B 43 -17.44 8.86 16.37
C LYS B 43 -16.24 8.89 17.32
N GLU B 44 -16.22 7.91 18.19
CA GLU B 44 -15.21 7.77 19.21
C GLU B 44 -13.93 7.16 18.64
N ARG B 45 -12.81 7.44 19.31
CA ARG B 45 -11.57 6.79 18.92
C ARG B 45 -11.64 5.30 19.21
N GLU B 46 -11.06 4.50 18.32
CA GLU B 46 -11.13 3.06 18.44
C GLU B 46 -9.81 2.42 18.08
N PHE B 47 -9.54 1.30 18.73
CA PHE B 47 -8.36 0.50 18.47
C PHE B 47 -8.39 -0.08 17.05
N VAL B 48 -7.23 -0.09 16.40
CA VAL B 48 -7.08 -0.73 15.09
C VAL B 48 -6.11 -1.91 15.16
N ALA B 49 -4.89 -1.67 15.65
CA ALA B 49 -3.88 -2.73 15.70
C ALA B 49 -2.80 -2.35 16.70
N ALA B 50 -2.12 -3.37 17.22
CA ALA B 50 -0.98 -3.16 18.10
C ALA B 50 0.10 -4.18 17.84
N ILE B 51 1.33 -3.78 18.09
CA ILE B 51 2.49 -4.65 17.91
C ILE B 51 3.33 -4.58 19.18
N SER B 52 3.70 -5.74 19.70
CA SER B 52 4.49 -5.79 20.92
C SER B 52 5.92 -5.31 20.65
N TRP B 53 6.61 -4.98 21.75
CA TRP B 53 8.06 -4.86 21.73
C TRP B 53 8.71 -6.21 21.49
N SER B 54 8.00 -7.29 21.78
CA SER B 54 8.55 -8.64 21.72
C SER B 54 8.19 -9.31 20.40
N HIS B 55 9.11 -10.13 19.92
CA HIS B 55 9.02 -10.77 18.61
C HIS B 55 7.67 -11.46 18.39
N GLY B 56 7.05 -11.15 17.25
CA GLY B 56 5.96 -11.95 16.70
C GLY B 56 4.58 -11.76 17.30
N ILE B 57 4.36 -10.72 18.11
CA ILE B 57 3.08 -10.57 18.79
C ILE B 57 2.38 -9.34 18.19
N THR B 58 1.22 -9.56 17.58
CA THR B 58 0.39 -8.48 17.05
C THR B 58 -1.08 -8.74 17.39
N TYR B 59 -1.86 -7.67 17.41
CA TYR B 59 -3.30 -7.74 17.69
C TYR B 59 -4.03 -6.81 16.74
N TYR B 60 -5.26 -7.20 16.38
CA TYR B 60 -6.06 -6.47 15.41
C TYR B 60 -7.52 -6.38 15.86
N ALA B 61 -8.14 -5.23 15.62
CA ALA B 61 -9.58 -5.15 15.71
C ALA B 61 -10.22 -6.14 14.73
N ASP B 62 -11.35 -6.71 15.15
CA ASP B 62 -12.06 -7.68 14.30
C ASP B 62 -12.36 -7.11 12.93
N SER B 63 -12.66 -5.81 12.85
CA SER B 63 -13.11 -5.21 11.60
C SER B 63 -12.00 -5.06 10.58
N VAL B 64 -10.74 -5.23 10.99
CA VAL B 64 -9.61 -5.08 10.07
C VAL B 64 -8.79 -6.35 9.92
N LYS B 65 -9.07 -7.40 10.71
CA LYS B 65 -8.31 -8.63 10.59
C LYS B 65 -8.35 -9.16 9.16
N GLY B 66 -7.18 -9.60 8.67
CA GLY B 66 -7.04 -10.11 7.33
C GLY B 66 -6.83 -9.05 6.27
N ARG B 67 -7.12 -7.78 6.56
CA ARG B 67 -6.95 -6.69 5.62
C ARG B 67 -5.80 -5.78 5.98
N PHE B 68 -5.56 -5.53 7.26
CA PHE B 68 -4.51 -4.64 7.71
C PHE B 68 -3.40 -5.46 8.35
N THR B 69 -2.15 -4.97 8.23
CA THR B 69 -1.00 -5.61 8.87
C THR B 69 -0.15 -4.56 9.54
N ILE B 70 0.14 -4.73 10.83
CA ILE B 70 1.02 -3.83 11.57
C ILE B 70 2.43 -4.44 11.63
N SER B 71 3.44 -3.58 11.50
CA SER B 71 4.83 -4.02 11.54
C SER B 71 5.65 -2.87 12.09
N ARG B 72 6.93 -3.14 12.38
CA ARG B 72 7.78 -2.09 12.90
C ARG B 72 9.20 -2.28 12.40
N ASP B 73 9.91 -1.17 12.25
CA ASP B 73 11.33 -1.19 11.91
C ASP B 73 12.04 -0.34 12.96
N ASN B 74 12.68 -1.01 13.92
CA ASN B 74 13.25 -0.28 15.04
C ASN B 74 14.48 0.52 14.63
N ALA B 75 15.19 0.09 13.58
CA ALA B 75 16.33 0.86 13.09
C ALA B 75 15.90 2.22 12.56
N LYS B 76 14.68 2.32 12.03
CA LYS B 76 14.10 3.58 11.61
C LYS B 76 13.19 4.20 12.66
N ASN B 77 12.98 3.51 13.78
N ASN B 77 13.02 3.54 13.81
CA ASN B 77 12.11 3.99 14.85
CA ASN B 77 12.09 3.98 14.86
C ASN B 77 10.69 4.25 14.33
C ASN B 77 10.70 4.27 14.29
N THR B 78 10.21 3.38 13.46
CA THR B 78 8.96 3.57 12.74
C THR B 78 8.05 2.35 12.88
N VAL B 79 6.75 2.60 12.98
CA VAL B 79 5.72 1.57 12.98
CA VAL B 79 5.75 1.54 12.94
C VAL B 79 4.84 1.80 11.75
N TYR B 80 4.43 0.72 11.11
CA TYR B 80 3.69 0.78 9.86
C TYR B 80 2.33 0.13 10.02
N LEU B 81 1.38 0.59 9.21
CA LEU B 81 0.07 -0.05 9.07
C LEU B 81 -0.19 -0.19 7.57
N GLN B 82 -0.02 -1.40 7.05
CA GLN B 82 -0.40 -1.71 5.69
C GLN B 82 -1.91 -1.95 5.66
N MET B 83 -2.62 -1.22 4.82
CA MET B 83 -4.06 -1.32 4.74
C MET B 83 -4.46 -1.77 3.34
N ASN B 84 -4.93 -3.00 3.21
CA ASN B 84 -5.42 -3.51 1.94
C ASN B 84 -6.94 -3.59 1.97
N SER B 85 -7.53 -3.71 0.78
CA SER B 85 -8.98 -3.94 0.66
C SER B 85 -9.80 -2.88 1.38
N LEU B 86 -9.40 -1.62 1.22
CA LEU B 86 -10.03 -0.54 1.97
C LEU B 86 -11.52 -0.41 1.65
N LYS B 87 -12.30 -0.09 2.67
CA LYS B 87 -13.74 0.08 2.55
C LYS B 87 -14.11 1.51 2.91
N PRO B 88 -15.21 2.04 2.39
CA PRO B 88 -15.62 3.41 2.78
C PRO B 88 -15.66 3.60 4.28
N GLU B 89 -16.08 2.57 5.01
CA GLU B 89 -16.18 2.66 6.47
C GLU B 89 -14.81 2.71 7.15
N ASP B 90 -13.71 2.58 6.41
CA ASP B 90 -12.38 2.77 7.00
C ASP B 90 -11.97 4.24 7.00
N THR B 91 -12.78 5.12 6.40
CA THR B 91 -12.48 6.55 6.39
C THR B 91 -12.43 7.06 7.82
N ALA B 92 -11.34 7.75 8.17
CA ALA B 92 -11.10 8.19 9.54
C ALA B 92 -9.77 8.92 9.58
N VAL B 93 -9.53 9.62 10.69
CA VAL B 93 -8.19 10.07 11.05
C VAL B 93 -7.53 8.93 11.83
N TYR B 94 -6.34 8.51 11.40
CA TYR B 94 -5.61 7.41 12.02
C TYR B 94 -4.49 7.98 12.89
N TYR B 95 -4.39 7.48 14.10
CA TYR B 95 -3.45 7.96 15.09
C TYR B 95 -2.54 6.82 15.52
N CYS B 96 -1.25 7.08 15.61
CA CYS B 96 -0.41 6.10 16.26
C CYS B 96 -0.17 6.49 17.71
N ALA B 97 0.24 5.50 18.50
CA ALA B 97 0.41 5.68 19.92
C ALA B 97 1.49 4.74 20.41
N ALA B 98 2.07 5.07 21.55
CA ALA B 98 3.05 4.24 22.21
C ALA B 98 2.52 3.86 23.58
N ASP B 99 2.88 2.67 24.03
CA ASP B 99 2.53 2.20 25.36
C ASP B 99 3.07 3.17 26.43
N SER B 100 2.42 3.17 27.59
CA SER B 100 2.85 4.01 28.70
C SER B 100 4.04 3.46 29.45
N ILE B 101 4.38 2.18 29.23
CA ILE B 101 5.50 1.55 29.92
C ILE B 101 6.27 0.69 28.93
N PRO B 102 7.56 0.50 29.17
CA PRO B 102 8.31 -0.48 28.38
C PRO B 102 7.98 -1.89 28.84
N TYR B 103 8.16 -2.84 27.91
CA TYR B 103 8.09 -4.25 28.25
C TYR B 103 6.70 -4.65 28.77
N GLY B 104 5.66 -3.95 28.28
CA GLY B 104 4.30 -4.21 28.73
C GLY B 104 3.70 -5.48 28.15
N ASP B 105 2.66 -5.97 28.84
CA ASP B 105 1.87 -7.09 28.35
C ASP B 105 0.74 -6.57 27.47
N SER B 106 -0.26 -7.40 27.18
CA SER B 106 -1.35 -7.04 26.27
C SER B 106 -2.59 -6.49 26.98
N ARG B 107 -2.51 -6.22 28.27
CA ARG B 107 -3.66 -5.64 28.96
C ARG B 107 -3.82 -4.17 28.62
N TYR B 108 -5.04 -3.66 28.84
CA TYR B 108 -5.34 -2.28 28.51
C TYR B 108 -4.56 -1.32 29.41
N ARG B 109 -3.92 -0.33 28.79
CA ARG B 109 -3.39 0.82 29.49
C ARG B 109 -3.65 2.05 28.63
N ASN B 110 -3.93 3.19 29.27
CA ASN B 110 -3.96 4.46 28.54
C ASN B 110 -2.63 4.64 27.84
N PRO B 111 -2.59 4.81 26.52
CA PRO B 111 -1.31 5.02 25.84
C PRO B 111 -0.56 6.23 26.39
N GLY B 112 0.76 6.10 26.45
CA GLY B 112 1.57 7.14 27.03
C GLY B 112 1.85 8.30 26.10
N TYR B 113 1.83 8.05 24.77
CA TYR B 113 2.11 9.10 23.80
C TYR B 113 1.19 8.91 22.61
N TRP B 114 0.72 10.02 22.02
CA TRP B 114 -0.19 10.01 20.89
C TRP B 114 0.35 10.90 19.78
N GLY B 115 0.17 10.46 18.53
CA GLY B 115 0.47 11.30 17.39
C GLY B 115 -0.66 12.28 17.11
N GLN B 116 -0.46 13.09 16.06
CA GLN B 116 -1.43 14.11 15.68
C GLN B 116 -2.44 13.65 14.65
N GLY B 117 -2.23 12.50 14.03
CA GLY B 117 -3.19 11.91 13.13
C GLY B 117 -2.87 12.15 11.66
N THR B 118 -3.28 11.20 10.80
CA THR B 118 -3.22 11.34 9.35
C THR B 118 -4.58 10.96 8.78
N GLN B 119 -5.02 11.68 7.74
CA GLN B 119 -6.34 11.47 7.15
C GLN B 119 -6.32 10.31 6.16
N VAL B 120 -7.30 9.42 6.30
CA VAL B 120 -7.56 8.35 5.33
C VAL B 120 -9.00 8.52 4.86
N THR B 121 -9.18 8.62 3.55
CA THR B 121 -10.50 8.73 2.95
C THR B 121 -10.66 7.68 1.87
N VAL B 122 -11.74 6.89 1.95
CA VAL B 122 -12.00 5.81 1.00
C VAL B 122 -13.35 6.10 0.36
N SER B 123 -13.35 6.32 -0.96
CA SER B 123 -14.57 6.58 -1.71
C SER B 123 -14.94 5.37 -2.55
N SER B 124 -16.13 5.43 -3.13
CA SER B 124 -16.57 4.40 -4.07
C SER B 124 -16.38 4.87 -5.51
#